data_1FGX
#
_entry.id   1FGX
#
_cell.length_a   108.5
_cell.length_b   161
_cell.length_c   107.4
_cell.angle_alpha   90
_cell.angle_beta   90
_cell.angle_gamma   90
#
_symmetry.space_group_name_H-M   'C 2 2 21'
#
loop_
_entity.id
_entity.type
_entity.pdbx_description
1 polymer 'BETA 1,4 GALACTOSYLTRANSFERASE'
2 non-polymer "URIDINE-5'-MONOPHOSPHATE"
3 water water
#
_entity_poly.entity_id   1
_entity_poly.type   'polypeptide(L)'
_entity_poly.pdbx_seq_one_letter_code
;GSNLTSAPVPSTTTRSLTACPEESPLLVGPMLIEFNIPVDLKLIEQQNPKVKLGGRYTPMDCISPHKVAIIIPFRNRQEH
LKYWLYYLHPILQRQQLDYGIYVINQAGESMFNRAKLLNVGFKEALKDYDYNCFVFSDVDLIPMNDHNTYRCFSQPRHIS
VAMDKFGFSLPYVQYFGGVSALSKQQFLSINGFPNNYWGWGGEDDDIYNRLAFRGMSVSRPNAVIGKCRMIRHSRDKKNE
PNPQRFDRIAHTKETMLSDGLNSLTYMVLEVQRYPLYTKITVDIGTPS
;
_entity_poly.pdbx_strand_id   A,B
#
loop_
_chem_comp.id
_chem_comp.type
_chem_comp.name
_chem_comp.formula
U5P non-polymer URIDINE-5'-MONOPHOSPHATE 'C9 H13 N2 O9 P'
#
# COMPACT_ATOMS: atom_id res chain seq x y z
N LEU A 17 -39.52 -3.41 -9.06
CA LEU A 17 -38.13 -2.86 -9.03
C LEU A 17 -37.29 -3.45 -7.90
N THR A 18 -36.49 -4.45 -8.27
CA THR A 18 -35.61 -5.13 -7.32
C THR A 18 -34.25 -4.41 -7.26
N ALA A 19 -33.54 -4.56 -6.15
CA ALA A 19 -32.21 -3.96 -6.00
C ALA A 19 -31.24 -4.71 -6.92
N CYS A 20 -30.19 -4.06 -7.42
CA CYS A 20 -29.25 -4.77 -8.31
C CYS A 20 -28.39 -5.70 -7.47
N PRO A 21 -28.09 -6.89 -8.02
CA PRO A 21 -27.29 -7.93 -7.36
C PRO A 21 -25.98 -7.44 -6.72
N GLU A 22 -25.28 -8.38 -6.08
CA GLU A 22 -24.01 -8.08 -5.44
C GLU A 22 -23.06 -7.67 -6.56
N GLU A 23 -22.64 -8.65 -7.35
CA GLU A 23 -21.80 -8.38 -8.49
C GLU A 23 -22.79 -8.52 -9.66
N SER A 24 -22.58 -7.77 -10.73
CA SER A 24 -23.47 -7.81 -11.87
C SER A 24 -23.30 -9.10 -12.65
N PRO A 25 -24.41 -9.63 -13.20
CA PRO A 25 -24.36 -10.87 -14.00
C PRO A 25 -23.82 -10.63 -15.43
N LEU A 26 -23.81 -9.37 -15.85
CA LEU A 26 -23.36 -9.01 -17.19
C LEU A 26 -21.83 -9.01 -17.37
N LEU A 27 -21.10 -9.10 -16.26
CA LEU A 27 -19.64 -9.08 -16.32
C LEU A 27 -19.01 -10.07 -17.30
N VAL A 28 -17.98 -9.62 -18.00
CA VAL A 28 -17.24 -10.38 -19.00
C VAL A 28 -15.84 -10.81 -18.52
N GLY A 29 -15.32 -10.14 -17.49
CA GLY A 29 -13.98 -10.44 -17.00
C GLY A 29 -12.92 -9.73 -17.85
N PRO A 30 -11.79 -10.39 -18.17
CA PRO A 30 -10.74 -9.78 -18.98
C PRO A 30 -11.28 -9.30 -20.30
N MET A 31 -10.74 -8.17 -20.77
CA MET A 31 -11.13 -7.60 -22.05
C MET A 31 -9.88 -7.25 -22.84
N LEU A 32 -10.03 -7.13 -24.14
CA LEU A 32 -8.92 -6.79 -25.00
C LEU A 32 -8.94 -5.27 -25.10
N ILE A 33 -7.82 -4.61 -24.81
CA ILE A 33 -7.82 -3.16 -24.92
C ILE A 33 -6.70 -2.70 -25.82
N GLU A 34 -7.05 -2.08 -26.94
CA GLU A 34 -6.02 -1.61 -27.86
C GLU A 34 -6.49 -0.39 -28.62
N PHE A 35 -5.53 0.39 -29.11
CA PHE A 35 -5.81 1.62 -29.83
C PHE A 35 -5.21 1.71 -31.27
N ASN A 36 -5.50 0.75 -32.15
CA ASN A 36 -4.98 0.78 -33.54
C ASN A 36 -6.07 1.44 -34.37
N ILE A 37 -7.27 1.01 -34.05
CA ILE A 37 -8.54 1.41 -34.63
C ILE A 37 -8.99 2.81 -34.20
N PRO A 38 -8.80 3.84 -35.04
CA PRO A 38 -9.30 5.12 -34.50
C PRO A 38 -10.83 5.00 -34.31
N VAL A 39 -11.41 5.86 -33.47
CA VAL A 39 -12.85 5.79 -33.22
C VAL A 39 -13.62 7.07 -33.53
N ASP A 40 -14.90 6.87 -33.76
CA ASP A 40 -15.78 7.96 -34.07
C ASP A 40 -16.85 7.97 -33.00
N LEU A 41 -17.09 9.15 -32.41
CA LEU A 41 -18.10 9.30 -31.34
C LEU A 41 -19.52 8.94 -31.79
N LYS A 42 -19.84 9.21 -33.05
CA LYS A 42 -21.16 8.89 -33.60
C LYS A 42 -21.42 7.39 -33.46
N LEU A 43 -20.42 6.59 -33.83
CA LEU A 43 -20.50 5.15 -33.71
C LEU A 43 -20.77 4.71 -32.24
N ILE A 44 -20.05 5.33 -31.30
CA ILE A 44 -20.21 5.02 -29.88
C ILE A 44 -21.60 5.34 -29.37
N GLU A 45 -22.20 6.42 -29.90
CA GLU A 45 -23.55 6.81 -29.52
C GLU A 45 -24.50 5.71 -29.94
N GLN A 46 -24.37 5.29 -31.21
CA GLN A 46 -25.20 4.22 -31.73
C GLN A 46 -24.91 2.88 -31.05
N GLN A 47 -23.68 2.64 -30.64
CA GLN A 47 -23.41 1.39 -29.95
C GLN A 47 -23.92 1.44 -28.50
N ASN A 48 -24.10 2.65 -27.95
CA ASN A 48 -24.61 2.80 -26.57
C ASN A 48 -25.90 3.62 -26.55
N PRO A 49 -26.96 3.03 -27.10
CA PRO A 49 -28.29 3.63 -27.21
C PRO A 49 -28.97 3.98 -25.88
N LYS A 50 -28.68 3.25 -24.79
CA LYS A 50 -29.33 3.55 -23.50
C LYS A 50 -28.72 4.75 -22.74
N VAL A 51 -27.64 5.32 -23.29
CA VAL A 51 -26.97 6.46 -22.68
C VAL A 51 -27.67 7.76 -23.02
N LYS A 52 -28.41 8.27 -22.04
CA LYS A 52 -29.13 9.52 -22.19
C LYS A 52 -28.16 10.70 -22.35
N LEU A 53 -28.72 11.84 -22.72
CA LEU A 53 -27.99 13.09 -22.96
C LEU A 53 -27.05 13.50 -21.81
N GLY A 54 -25.82 13.88 -22.15
CA GLY A 54 -24.85 14.30 -21.15
C GLY A 54 -24.03 13.19 -20.52
N GLY A 55 -24.16 11.99 -21.05
CA GLY A 55 -23.40 10.88 -20.51
C GLY A 55 -24.04 10.29 -19.28
N ARG A 56 -25.36 10.16 -19.29
CA ARG A 56 -26.08 9.60 -18.14
C ARG A 56 -26.70 8.27 -18.44
N TYR A 57 -26.63 7.35 -17.49
CA TYR A 57 -27.24 6.05 -17.67
C TYR A 57 -27.74 5.51 -16.31
N THR A 58 -28.95 4.97 -16.29
CA THR A 58 -29.51 4.40 -15.08
C THR A 58 -30.13 3.10 -15.49
N PRO A 59 -29.66 1.99 -14.87
CA PRO A 59 -30.21 0.67 -15.23
C PRO A 59 -31.76 0.59 -15.20
N MET A 60 -32.32 -0.18 -16.13
CA MET A 60 -33.77 -0.38 -16.23
C MET A 60 -34.19 -1.62 -15.44
N ASP A 61 -33.35 -2.65 -15.51
CA ASP A 61 -33.61 -3.93 -14.87
C ASP A 61 -33.53 -4.00 -13.35
N CYS A 62 -33.08 -2.94 -12.69
CA CYS A 62 -32.97 -2.92 -11.22
C CYS A 62 -32.58 -1.54 -10.68
N ILE A 63 -32.48 -1.45 -9.35
CA ILE A 63 -32.09 -0.21 -8.70
C ILE A 63 -30.63 -0.30 -8.23
N SER A 64 -29.79 0.61 -8.73
CA SER A 64 -28.39 0.63 -8.33
C SER A 64 -28.21 1.49 -7.09
N PRO A 65 -27.44 1.00 -6.12
CA PRO A 65 -27.18 1.73 -4.87
C PRO A 65 -26.04 2.70 -5.08
N HIS A 66 -25.36 2.56 -6.21
CA HIS A 66 -24.21 3.40 -6.51
C HIS A 66 -24.54 4.52 -7.48
N LYS A 67 -24.77 5.72 -6.98
CA LYS A 67 -25.00 6.82 -7.90
C LYS A 67 -23.59 7.45 -8.08
N VAL A 68 -22.93 7.03 -9.15
CA VAL A 68 -21.55 7.41 -9.47
C VAL A 68 -21.37 8.57 -10.47
N ALA A 69 -20.56 9.54 -10.09
CA ALA A 69 -20.26 10.67 -10.96
C ALA A 69 -18.82 10.44 -11.32
N ILE A 70 -18.53 10.28 -12.60
CA ILE A 70 -17.16 10.04 -13.01
C ILE A 70 -16.58 11.35 -13.48
N ILE A 71 -15.52 11.80 -12.83
CA ILE A 71 -14.91 13.07 -13.18
C ILE A 71 -13.57 12.98 -13.91
N ILE A 72 -13.49 13.62 -15.06
CA ILE A 72 -12.25 13.58 -15.85
C ILE A 72 -11.64 14.96 -16.04
N PRO A 73 -10.44 15.20 -15.44
CA PRO A 73 -9.71 16.48 -15.55
C PRO A 73 -9.21 16.50 -16.98
N PHE A 74 -9.33 17.61 -17.68
CA PHE A 74 -9.00 17.55 -19.10
C PHE A 74 -8.64 18.86 -19.73
N ARG A 75 -7.87 18.75 -20.80
CA ARG A 75 -7.47 19.89 -21.60
C ARG A 75 -6.74 19.41 -22.85
N ASN A 76 -7.43 19.56 -23.99
CA ASN A 76 -6.89 19.24 -25.30
C ASN A 76 -6.46 17.80 -25.49
N ARG A 77 -7.31 16.87 -25.10
CA ARG A 77 -6.95 15.47 -25.26
C ARG A 77 -8.16 14.82 -25.86
N GLN A 78 -8.76 15.48 -26.86
CA GLN A 78 -9.99 14.99 -27.49
C GLN A 78 -9.84 13.56 -28.00
N GLU A 79 -8.71 13.29 -28.62
CA GLU A 79 -8.49 11.96 -29.10
C GLU A 79 -8.58 10.94 -27.97
N HIS A 80 -7.91 11.20 -26.84
CA HIS A 80 -7.95 10.25 -25.73
C HIS A 80 -9.34 9.99 -25.20
N LEU A 81 -10.11 11.09 -25.07
CA LEU A 81 -11.48 11.07 -24.58
C LEU A 81 -12.28 10.13 -25.45
N LYS A 82 -12.15 10.24 -26.78
CA LYS A 82 -12.87 9.34 -27.70
C LYS A 82 -12.61 7.88 -27.34
N TYR A 83 -11.34 7.50 -27.16
CA TYR A 83 -11.03 6.11 -26.76
C TYR A 83 -11.55 5.78 -25.33
N TRP A 84 -11.56 6.78 -24.44
CA TRP A 84 -12.05 6.56 -23.08
C TRP A 84 -13.55 6.26 -23.17
N LEU A 85 -14.32 7.15 -23.79
CA LEU A 85 -15.77 6.96 -23.97
C LEU A 85 -16.05 5.63 -24.69
N TYR A 86 -15.27 5.32 -25.74
CA TYR A 86 -15.47 4.06 -26.46
C TYR A 86 -15.45 2.84 -25.50
N TYR A 87 -14.42 2.73 -24.69
CA TYR A 87 -14.35 1.60 -23.77
C TYR A 87 -15.15 1.67 -22.46
N LEU A 88 -15.27 2.86 -21.87
CA LEU A 88 -15.94 2.92 -20.60
C LEU A 88 -17.47 2.91 -20.54
N HIS A 89 -18.16 3.43 -21.55
CA HIS A 89 -19.64 3.39 -21.47
C HIS A 89 -20.21 1.93 -21.42
N PRO A 90 -19.73 1.03 -22.29
CA PRO A 90 -20.22 -0.34 -22.25
C PRO A 90 -19.96 -0.93 -20.88
N ILE A 91 -18.69 -0.87 -20.45
CA ILE A 91 -18.27 -1.40 -19.12
C ILE A 91 -19.08 -0.95 -17.91
N LEU A 92 -19.27 0.37 -17.82
CA LEU A 92 -19.99 0.97 -16.72
C LEU A 92 -21.43 0.48 -16.64
N GLN A 93 -22.00 0.10 -17.78
CA GLN A 93 -23.40 -0.34 -17.79
C GLN A 93 -23.48 -1.78 -17.40
N ARG A 94 -22.45 -2.53 -17.80
CA ARG A 94 -22.42 -3.93 -17.43
C ARG A 94 -22.22 -3.96 -15.92
N GLN A 95 -21.62 -2.92 -15.35
CA GLN A 95 -21.42 -2.89 -13.91
C GLN A 95 -22.67 -2.45 -13.22
N GLN A 96 -23.67 -2.08 -14.01
CA GLN A 96 -24.95 -1.65 -13.46
C GLN A 96 -24.85 -0.47 -12.54
N LEU A 97 -24.28 0.61 -13.04
CA LEU A 97 -24.16 1.81 -12.22
C LEU A 97 -25.14 2.88 -12.72
N ASP A 98 -25.54 3.78 -11.83
CA ASP A 98 -26.42 4.91 -12.17
C ASP A 98 -25.32 5.98 -12.26
N TYR A 99 -24.88 6.32 -13.47
CA TYR A 99 -23.73 7.23 -13.61
C TYR A 99 -23.71 8.37 -14.61
N GLY A 100 -22.81 9.31 -14.40
CA GLY A 100 -22.69 10.42 -15.32
C GLY A 100 -21.23 10.74 -15.63
N ILE A 101 -20.94 11.12 -16.86
CA ILE A 101 -19.59 11.45 -17.22
C ILE A 101 -19.45 12.97 -17.16
N TYR A 102 -18.35 13.43 -16.57
CA TYR A 102 -18.08 14.85 -16.43
C TYR A 102 -16.68 15.18 -16.87
N VAL A 103 -16.57 15.98 -17.91
CA VAL A 103 -15.26 16.32 -18.41
C VAL A 103 -15.00 17.74 -17.98
N ILE A 104 -14.10 17.91 -17.02
CA ILE A 104 -13.76 19.24 -16.51
C ILE A 104 -12.63 19.74 -17.35
N ASN A 105 -12.94 20.68 -18.24
CA ASN A 105 -11.98 21.21 -19.19
C ASN A 105 -11.37 22.50 -18.70
N GLN A 106 -10.05 22.51 -18.58
CA GLN A 106 -9.38 23.72 -18.14
C GLN A 106 -9.16 24.69 -19.26
N ALA A 107 -9.85 25.83 -19.17
CA ALA A 107 -9.71 26.87 -20.18
C ALA A 107 -8.38 27.53 -19.92
N GLY A 108 -7.66 27.99 -20.93
CA GLY A 108 -6.47 28.67 -20.49
C GLY A 108 -5.03 28.69 -20.91
N GLU A 109 -4.30 27.60 -20.83
CA GLU A 109 -2.87 27.65 -21.15
C GLU A 109 -1.90 28.00 -19.99
N SER A 110 -2.36 27.96 -18.73
CA SER A 110 -1.49 28.23 -17.57
C SER A 110 -1.13 26.80 -17.12
N MET A 111 -0.15 26.53 -16.22
CA MET A 111 0.11 25.09 -15.97
C MET A 111 -1.17 24.37 -15.52
N PHE A 112 -1.28 23.08 -15.85
CA PHE A 112 -2.48 22.26 -15.56
C PHE A 112 -2.62 22.06 -14.03
N ASN A 113 -3.87 21.93 -13.54
CA ASN A 113 -4.15 21.74 -12.13
C ASN A 113 -5.15 20.60 -11.99
N ARG A 114 -4.65 19.37 -12.04
CA ARG A 114 -5.47 18.18 -11.93
C ARG A 114 -6.36 18.14 -10.67
N ALA A 115 -5.76 18.30 -9.49
CA ALA A 115 -6.54 18.22 -8.28
C ALA A 115 -7.66 19.26 -8.20
N LYS A 116 -7.37 20.49 -8.59
CA LYS A 116 -8.43 21.49 -8.53
C LYS A 116 -9.59 21.18 -9.50
N LEU A 117 -9.30 20.67 -10.71
CA LEU A 117 -10.39 20.36 -11.66
C LEU A 117 -11.24 19.23 -11.12
N LEU A 118 -10.60 18.27 -10.45
CA LEU A 118 -11.36 17.20 -9.86
C LEU A 118 -12.32 17.79 -8.79
N ASN A 119 -11.87 18.78 -8.00
CA ASN A 119 -12.73 19.45 -6.99
C ASN A 119 -13.90 20.14 -7.69
N VAL A 120 -13.59 20.89 -8.75
CA VAL A 120 -14.61 21.55 -9.53
C VAL A 120 -15.64 20.50 -9.96
N GLY A 121 -15.18 19.33 -10.41
CA GLY A 121 -16.09 18.29 -10.86
C GLY A 121 -17.03 17.79 -9.77
N PHE A 122 -16.50 17.67 -8.57
CA PHE A 122 -17.27 17.19 -7.43
C PHE A 122 -18.43 18.15 -7.24
N LYS A 123 -18.12 19.44 -7.13
CA LYS A 123 -19.13 20.47 -6.91
C LYS A 123 -20.14 20.61 -8.01
N GLU A 124 -19.70 20.57 -9.27
CA GLU A 124 -20.61 20.74 -10.39
C GLU A 124 -21.51 19.56 -10.57
N ALA A 125 -20.97 18.37 -10.43
CA ALA A 125 -21.79 17.18 -10.62
C ALA A 125 -22.94 17.10 -9.62
N LEU A 126 -22.74 17.59 -8.40
CA LEU A 126 -23.79 17.52 -7.38
C LEU A 126 -24.96 18.42 -7.75
N LYS A 127 -24.76 19.37 -8.68
CA LYS A 127 -25.84 20.24 -9.13
C LYS A 127 -26.81 19.50 -10.05
N ASP A 128 -26.38 18.42 -10.66
CA ASP A 128 -27.24 17.66 -11.56
C ASP A 128 -27.96 16.55 -10.87
N TYR A 129 -27.31 15.89 -9.93
CA TYR A 129 -27.95 14.73 -9.35
C TYR A 129 -27.42 14.46 -7.94
N ASP A 130 -28.14 13.64 -7.17
CA ASP A 130 -27.69 13.37 -5.83
C ASP A 130 -26.73 12.19 -5.86
N TYR A 131 -25.54 12.45 -6.41
CA TYR A 131 -24.51 11.41 -6.50
C TYR A 131 -24.00 11.12 -5.09
N ASN A 132 -23.66 9.87 -4.83
CA ASN A 132 -23.15 9.55 -3.51
C ASN A 132 -21.78 8.92 -3.65
N CYS A 133 -21.33 8.80 -4.89
CA CYS A 133 -20.03 8.19 -5.20
C CYS A 133 -19.25 8.95 -6.31
N PHE A 134 -17.94 9.13 -6.18
CA PHE A 134 -17.18 9.84 -7.21
C PHE A 134 -15.91 9.10 -7.62
N VAL A 135 -15.79 8.89 -8.93
CA VAL A 135 -14.63 8.23 -9.52
C VAL A 135 -13.81 9.31 -10.18
N PHE A 136 -12.55 9.46 -9.79
CA PHE A 136 -11.69 10.47 -10.39
C PHE A 136 -10.77 9.79 -11.34
N SER A 137 -10.92 10.06 -12.64
CA SER A 137 -10.11 9.36 -13.63
C SER A 137 -9.40 10.14 -14.66
N ASP A 138 -8.14 9.77 -14.92
CA ASP A 138 -7.40 10.48 -15.96
C ASP A 138 -8.06 10.04 -17.24
N VAL A 139 -8.01 10.89 -18.25
CA VAL A 139 -8.64 10.59 -19.52
C VAL A 139 -7.93 9.46 -20.28
N ASP A 140 -6.67 9.22 -19.95
CA ASP A 140 -5.89 8.22 -20.65
C ASP A 140 -5.65 6.87 -19.95
N LEU A 141 -6.60 6.38 -19.14
CA LEU A 141 -6.44 5.08 -18.48
C LEU A 141 -7.74 4.27 -18.63
N ILE A 142 -7.58 3.05 -19.18
CA ILE A 142 -8.71 2.15 -19.44
C ILE A 142 -8.49 0.89 -18.64
N PRO A 143 -9.51 0.41 -17.91
CA PRO A 143 -9.41 -0.80 -17.11
C PRO A 143 -9.48 -1.99 -18.05
N MET A 144 -8.75 -3.07 -17.75
CA MET A 144 -8.74 -4.23 -18.61
C MET A 144 -9.67 -5.36 -18.14
N ASN A 145 -10.47 -5.14 -17.11
CA ASN A 145 -11.30 -6.23 -16.61
C ASN A 145 -12.49 -5.61 -15.88
N ASP A 146 -13.70 -5.78 -16.41
CA ASP A 146 -14.90 -5.20 -15.79
C ASP A 146 -15.30 -5.66 -14.37
N HIS A 147 -14.44 -6.46 -13.75
CA HIS A 147 -14.63 -6.90 -12.36
C HIS A 147 -14.05 -5.81 -11.43
N ASN A 148 -13.26 -4.89 -12.00
CA ASN A 148 -12.62 -3.76 -11.30
C ASN A 148 -13.71 -2.69 -11.31
N THR A 149 -14.69 -2.84 -10.44
CA THR A 149 -15.81 -1.94 -10.45
C THR A 149 -15.49 -0.48 -10.23
N TYR A 150 -16.07 0.37 -11.07
CA TYR A 150 -15.91 1.80 -10.93
C TYR A 150 -16.92 2.37 -9.90
N ARG A 151 -16.83 1.89 -8.65
CA ARG A 151 -17.73 2.37 -7.62
C ARG A 151 -17.00 2.59 -6.29
N CYS A 152 -17.75 3.00 -5.28
CA CYS A 152 -17.20 3.28 -3.96
C CYS A 152 -17.16 2.07 -3.05
N PHE A 153 -16.22 2.09 -2.10
CA PHE A 153 -16.10 0.96 -1.19
C PHE A 153 -16.11 1.49 0.26
N SER A 154 -15.95 0.61 1.25
CA SER A 154 -15.99 1.03 2.64
C SER A 154 -14.80 1.92 3.00
N GLN A 155 -13.80 1.90 2.15
CA GLN A 155 -12.60 2.69 2.33
C GLN A 155 -12.24 3.30 0.96
N PRO A 156 -11.50 4.42 0.95
CA PRO A 156 -11.13 5.02 -0.32
C PRO A 156 -10.54 3.99 -1.30
N ARG A 157 -11.00 3.99 -2.54
CA ARG A 157 -10.58 3.00 -3.52
C ARG A 157 -9.63 3.41 -4.66
N HIS A 158 -8.54 2.68 -4.79
CA HIS A 158 -7.56 2.94 -5.83
C HIS A 158 -7.83 1.89 -6.89
N ILE A 159 -8.31 2.36 -8.04
CA ILE A 159 -8.71 1.51 -9.16
C ILE A 159 -7.58 1.15 -10.12
N SER A 160 -6.86 2.13 -10.64
CA SER A 160 -5.73 1.82 -11.54
C SER A 160 -4.50 1.22 -10.82
N VAL A 161 -4.65 0.02 -10.27
CA VAL A 161 -3.57 -0.61 -9.52
C VAL A 161 -2.35 -1.10 -10.25
N ALA A 162 -2.58 -1.74 -11.39
CA ALA A 162 -1.49 -2.29 -12.20
C ALA A 162 -1.62 -1.75 -13.63
N MET A 163 -0.80 -0.76 -13.97
CA MET A 163 -0.87 -0.14 -15.27
C MET A 163 0.22 -0.64 -16.21
N ASP A 164 -0.16 -0.98 -17.42
CA ASP A 164 0.82 -1.48 -18.35
C ASP A 164 2.04 -0.54 -18.43
N LYS A 165 1.82 0.78 -18.45
CA LYS A 165 2.93 1.71 -18.55
C LYS A 165 3.93 1.61 -17.40
N PHE A 166 3.57 0.93 -16.30
CA PHE A 166 4.48 0.78 -15.15
C PHE A 166 4.75 -0.71 -14.97
N GLY A 167 4.73 -1.45 -16.07
CA GLY A 167 5.00 -2.88 -16.00
C GLY A 167 3.99 -3.72 -15.26
N PHE A 168 2.80 -3.18 -15.12
CA PHE A 168 1.74 -3.88 -14.41
C PHE A 168 2.01 -4.06 -12.96
N SER A 169 2.78 -3.14 -12.39
CA SER A 169 3.09 -3.22 -10.97
C SER A 169 2.97 -1.84 -10.32
N LEU A 170 2.26 -1.82 -9.20
CA LEU A 170 2.07 -0.63 -8.39
C LEU A 170 3.46 -0.01 -8.10
N PRO A 171 3.70 1.28 -8.44
CA PRO A 171 5.02 1.93 -8.18
C PRO A 171 5.49 1.91 -6.73
N TYR A 172 4.54 1.94 -5.79
CA TYR A 172 4.78 1.90 -4.35
C TYR A 172 3.42 1.77 -3.65
N VAL A 173 3.38 1.08 -2.53
CA VAL A 173 2.14 0.83 -1.82
C VAL A 173 1.20 2.00 -1.52
N GLN A 174 1.74 3.22 -1.47
CA GLN A 174 0.88 4.37 -1.18
C GLN A 174 0.64 5.27 -2.39
N TYR A 175 0.76 4.66 -3.57
CA TYR A 175 0.52 5.33 -4.84
C TYR A 175 -1.00 5.42 -4.97
N PHE A 176 -1.54 6.60 -5.24
CA PHE A 176 -2.99 6.75 -5.32
C PHE A 176 -3.36 7.52 -6.56
N GLY A 177 -2.49 7.46 -7.56
CA GLY A 177 -2.72 8.16 -8.80
C GLY A 177 -3.41 7.33 -9.86
N GLY A 178 -3.90 8.01 -10.90
CA GLY A 178 -4.57 7.33 -12.00
C GLY A 178 -6.08 7.33 -11.89
N VAL A 179 -6.64 6.31 -11.27
CA VAL A 179 -8.08 6.25 -11.14
C VAL A 179 -8.39 5.81 -9.73
N SER A 180 -9.23 6.59 -9.05
CA SER A 180 -9.60 6.31 -7.66
C SER A 180 -11.07 6.67 -7.45
N ALA A 181 -11.68 6.14 -6.39
CA ALA A 181 -13.08 6.45 -6.11
C ALA A 181 -13.29 6.77 -4.62
N LEU A 182 -14.07 7.80 -4.33
CA LEU A 182 -14.33 8.20 -2.94
C LEU A 182 -15.81 8.47 -2.80
N SER A 183 -16.38 8.04 -1.68
CA SER A 183 -17.79 8.25 -1.44
C SER A 183 -17.90 9.73 -1.13
N LYS A 184 -19.10 10.28 -1.28
CA LYS A 184 -19.26 11.69 -0.98
C LYS A 184 -18.73 11.96 0.42
N GLN A 185 -19.06 11.11 1.39
CA GLN A 185 -18.59 11.36 2.75
C GLN A 185 -17.07 11.29 2.86
N GLN A 186 -16.50 10.26 2.26
CA GLN A 186 -15.06 10.12 2.30
C GLN A 186 -14.42 11.40 1.75
N PHE A 187 -14.91 11.88 0.61
CA PHE A 187 -14.39 13.10 -0.01
C PHE A 187 -14.50 14.34 0.89
N LEU A 188 -15.68 14.55 1.50
CA LEU A 188 -15.89 15.72 2.42
C LEU A 188 -14.98 15.63 3.63
N SER A 189 -14.84 14.42 4.14
CA SER A 189 -14.00 14.11 5.28
C SER A 189 -12.56 14.68 5.19
N ILE A 190 -11.92 14.58 4.02
CA ILE A 190 -10.57 15.14 3.84
C ILE A 190 -10.57 16.57 3.28
N ASN A 191 -11.72 17.22 3.23
CA ASN A 191 -11.82 18.59 2.71
C ASN A 191 -11.46 18.60 1.23
N GLY A 192 -11.87 17.53 0.55
CA GLY A 192 -11.60 17.44 -0.87
C GLY A 192 -10.12 17.30 -1.15
N PHE A 193 -9.69 17.74 -2.34
CA PHE A 193 -8.30 17.59 -2.75
C PHE A 193 -7.66 18.92 -2.71
N PRO A 194 -6.33 18.95 -2.68
CA PRO A 194 -5.65 20.26 -2.66
C PRO A 194 -5.80 21.03 -3.96
N ASN A 195 -5.92 22.36 -3.86
CA ASN A 195 -6.02 23.22 -5.04
C ASN A 195 -4.69 23.86 -5.33
N ASN A 196 -3.68 23.63 -4.50
CA ASN A 196 -2.45 24.34 -4.76
C ASN A 196 -1.25 23.66 -5.36
N TYR A 197 -1.35 22.39 -5.74
CA TYR A 197 -0.22 21.72 -6.35
C TYR A 197 -0.01 22.07 -7.83
N TRP A 198 -1.08 22.48 -8.51
CA TRP A 198 -0.95 22.83 -9.92
C TRP A 198 -0.28 21.70 -10.65
N GLY A 199 0.76 21.91 -11.41
CA GLY A 199 1.33 20.76 -12.10
C GLY A 199 2.72 20.46 -11.60
N TRP A 200 2.98 20.86 -10.38
CA TRP A 200 4.29 20.67 -9.82
C TRP A 200 4.65 19.25 -9.40
N GLY A 201 3.62 18.41 -9.31
CA GLY A 201 3.79 17.00 -8.93
C GLY A 201 3.47 16.77 -7.46
N GLY A 202 2.84 15.64 -7.18
CA GLY A 202 2.55 15.31 -5.79
C GLY A 202 1.12 15.42 -5.27
N GLU A 203 0.19 15.90 -6.07
CA GLU A 203 -1.15 16.04 -5.52
C GLU A 203 -1.72 14.71 -5.07
N ASP A 204 -1.35 13.65 -5.79
CA ASP A 204 -1.87 12.33 -5.48
C ASP A 204 -1.31 11.83 -4.12
N ASP A 205 -0.07 12.17 -3.80
CA ASP A 205 0.46 11.74 -2.52
C ASP A 205 -0.08 12.59 -1.37
N ASP A 206 -0.46 13.82 -1.66
CA ASP A 206 -1.00 14.69 -0.66
C ASP A 206 -2.36 14.13 -0.32
N ILE A 207 -3.06 13.71 -1.36
CA ILE A 207 -4.38 13.17 -1.17
C ILE A 207 -4.25 11.92 -0.30
N TYR A 208 -3.22 11.10 -0.56
CA TYR A 208 -3.01 9.89 0.23
C TYR A 208 -2.76 10.27 1.69
N ASN A 209 -1.91 11.27 1.89
CA ASN A 209 -1.63 11.75 3.23
C ASN A 209 -2.95 12.20 3.91
N ARG A 210 -3.86 12.88 3.18
CA ARG A 210 -5.11 13.31 3.79
C ARG A 210 -5.88 12.13 4.30
N LEU A 211 -5.91 11.06 3.52
CA LEU A 211 -6.60 9.86 3.93
C LEU A 211 -6.05 9.28 5.25
N ALA A 212 -4.72 9.24 5.33
CA ALA A 212 -4.00 8.73 6.48
C ALA A 212 -4.41 9.50 7.71
N PHE A 213 -4.36 10.82 7.61
CA PHE A 213 -4.73 11.66 8.74
C PHE A 213 -6.17 11.56 9.17
N ARG A 214 -7.10 11.39 8.26
CA ARG A 214 -8.47 11.28 8.74
C ARG A 214 -8.78 9.81 9.00
N GLY A 215 -7.72 9.06 9.31
CA GLY A 215 -7.84 7.65 9.65
C GLY A 215 -8.44 6.60 8.73
N MET A 216 -8.36 6.83 7.42
CA MET A 216 -8.89 5.88 6.46
C MET A 216 -7.69 5.16 5.92
N SER A 217 -7.93 4.18 5.05
CA SER A 217 -6.86 3.46 4.38
C SER A 217 -7.18 3.38 2.87
N VAL A 218 -6.50 2.50 2.13
CA VAL A 218 -6.73 2.40 0.70
C VAL A 218 -7.23 1.05 0.33
N SER A 219 -8.37 0.98 -0.33
CA SER A 219 -8.93 -0.31 -0.77
C SER A 219 -8.49 -0.52 -2.22
N ARG A 220 -8.22 -1.77 -2.59
CA ARG A 220 -7.77 -2.08 -3.95
C ARG A 220 -8.22 -3.42 -4.46
N PRO A 221 -8.38 -3.55 -5.79
CA PRO A 221 -8.79 -4.85 -6.31
C PRO A 221 -7.48 -5.59 -6.40
N ASN A 222 -7.56 -6.90 -6.58
CA ASN A 222 -6.39 -7.74 -6.71
C ASN A 222 -5.59 -7.22 -7.93
N ALA A 223 -4.32 -7.57 -8.06
CA ALA A 223 -3.53 -7.00 -9.16
C ALA A 223 -3.83 -7.45 -10.57
N VAL A 224 -4.46 -8.60 -10.74
CA VAL A 224 -4.77 -9.04 -12.09
C VAL A 224 -6.08 -8.38 -12.52
N ILE A 225 -7.05 -8.34 -11.64
CA ILE A 225 -8.30 -7.69 -11.97
C ILE A 225 -8.07 -6.18 -12.11
N GLY A 226 -7.08 -5.64 -11.40
CA GLY A 226 -6.81 -4.21 -11.47
C GLY A 226 -5.89 -3.75 -12.58
N LYS A 227 -5.76 -4.58 -13.60
CA LYS A 227 -4.92 -4.24 -14.73
C LYS A 227 -5.60 -3.15 -15.53
N CYS A 228 -4.76 -2.27 -16.09
CA CYS A 228 -5.21 -1.12 -16.87
C CYS A 228 -4.17 -0.77 -17.90
N ARG A 229 -4.64 -0.22 -19.02
CA ARG A 229 -3.77 0.20 -20.08
C ARG A 229 -3.84 1.69 -20.10
N MET A 230 -2.73 2.28 -20.52
CA MET A 230 -2.63 3.70 -20.68
C MET A 230 -2.87 3.89 -22.18
N ILE A 231 -3.57 4.96 -22.56
CA ILE A 231 -3.80 5.21 -23.97
C ILE A 231 -2.49 5.72 -24.54
N ARG A 232 -1.73 4.80 -25.13
CA ARG A 232 -0.40 5.11 -25.68
C ARG A 232 -0.45 5.12 -27.19
N HIS A 233 -0.02 6.25 -27.76
CA HIS A 233 0.03 6.46 -29.21
C HIS A 233 0.77 5.26 -29.83
N SER A 234 0.25 4.79 -30.97
CA SER A 234 0.78 3.62 -31.68
C SER A 234 1.27 2.61 -30.63
N ARG A 235 2.36 1.91 -30.91
CA ARG A 235 2.86 0.91 -29.97
C ARG A 235 4.19 1.25 -29.28
N ASP A 236 4.11 1.47 -27.96
CA ASP A 236 5.28 1.77 -27.10
C ASP A 236 5.26 0.80 -25.91
N LYS A 237 6.25 -0.09 -25.86
CA LYS A 237 6.39 -1.07 -24.77
C LYS A 237 7.05 -0.33 -23.60
N LYS A 238 8.10 0.43 -23.97
CA LYS A 238 8.93 1.23 -23.09
C LYS A 238 8.26 1.66 -21.77
N ASN A 239 8.38 0.81 -20.75
CA ASN A 239 7.85 1.10 -19.43
C ASN A 239 8.35 2.50 -19.05
N GLU A 240 7.45 3.36 -18.59
CA GLU A 240 7.82 4.71 -18.18
C GLU A 240 8.69 4.73 -16.90
N PRO A 241 9.35 5.88 -16.63
CA PRO A 241 10.21 6.04 -15.46
C PRO A 241 9.41 5.87 -14.19
N ASN A 242 10.01 5.26 -13.19
CA ASN A 242 9.29 5.09 -11.92
C ASN A 242 9.14 6.36 -11.10
N PRO A 243 7.89 6.73 -10.79
CA PRO A 243 7.69 7.93 -9.98
C PRO A 243 7.98 7.55 -8.52
N GLN A 244 8.63 8.47 -7.81
CA GLN A 244 8.93 8.25 -6.40
C GLN A 244 8.07 9.26 -5.65
N ARG A 245 7.42 8.76 -4.60
CA ARG A 245 6.55 9.53 -3.72
C ARG A 245 7.16 10.84 -3.27
N PHE A 246 6.39 11.92 -3.28
CA PHE A 246 6.93 13.20 -2.83
C PHE A 246 6.72 13.26 -1.33
N ASP A 247 7.77 13.62 -0.61
CA ASP A 247 7.66 13.74 0.83
C ASP A 247 7.13 15.15 1.20
N ARG A 248 5.81 15.28 1.35
CA ARG A 248 5.19 16.58 1.71
C ARG A 248 4.26 16.33 2.89
N ILE A 249 4.58 15.32 3.68
CA ILE A 249 3.73 14.92 4.78
C ILE A 249 3.56 15.97 5.88
N ALA A 250 4.63 16.67 6.23
CA ALA A 250 4.47 17.72 7.24
C ALA A 250 3.51 18.74 6.65
N HIS A 251 3.81 19.15 5.42
CA HIS A 251 3.02 20.10 4.65
C HIS A 251 1.52 19.74 4.50
N THR A 252 1.18 18.48 4.25
CA THR A 252 -0.24 18.12 4.15
C THR A 252 -0.90 18.37 5.49
N LYS A 253 -0.26 17.93 6.58
CA LYS A 253 -0.80 18.14 7.93
C LYS A 253 -1.13 19.60 8.24
N GLU A 254 -0.27 20.54 7.83
CA GLU A 254 -0.57 21.95 8.08
C GLU A 254 -1.64 22.58 7.18
N THR A 255 -1.64 22.18 5.91
CA THR A 255 -2.52 22.78 4.88
C THR A 255 -3.82 22.10 4.49
N MET A 256 -4.01 20.88 4.93
CA MET A 256 -5.21 20.11 4.58
C MET A 256 -6.53 20.85 4.81
N LEU A 257 -6.73 21.35 6.03
CA LEU A 257 -7.94 22.06 6.40
C LEU A 257 -8.15 23.41 5.73
N SER A 258 -7.11 24.05 5.20
CA SER A 258 -7.27 25.37 4.57
C SER A 258 -7.19 25.41 3.05
N ASP A 259 -6.72 24.32 2.45
CA ASP A 259 -6.60 24.24 0.98
C ASP A 259 -7.45 23.08 0.52
N GLY A 260 -8.57 23.35 -0.11
CA GLY A 260 -9.41 22.24 -0.51
C GLY A 260 -10.79 22.67 -0.90
N LEU A 261 -11.76 21.87 -0.54
CA LEU A 261 -13.15 22.17 -0.88
C LEU A 261 -13.60 23.52 -0.33
N ASN A 262 -13.20 23.85 0.89
CA ASN A 262 -13.64 25.09 1.49
C ASN A 262 -12.97 26.38 0.96
N SER A 263 -11.93 26.23 0.17
CA SER A 263 -11.23 27.39 -0.34
C SER A 263 -11.29 27.35 -1.85
N LEU A 264 -12.14 26.47 -2.37
CA LEU A 264 -12.26 26.32 -3.81
C LEU A 264 -12.98 27.49 -4.49
N THR A 265 -12.27 28.18 -5.39
CA THR A 265 -12.85 29.27 -6.15
C THR A 265 -12.58 29.07 -7.65
N TYR A 266 -13.61 29.25 -8.46
CA TYR A 266 -13.50 29.14 -9.92
C TYR A 266 -14.76 29.75 -10.57
N MET A 267 -14.70 29.91 -11.89
CA MET A 267 -15.82 30.47 -12.64
C MET A 267 -16.17 29.55 -13.78
N VAL A 268 -17.37 29.00 -13.80
CA VAL A 268 -17.79 28.14 -14.92
C VAL A 268 -18.02 29.00 -16.17
N LEU A 269 -17.18 28.83 -17.19
CA LEU A 269 -17.31 29.60 -18.42
C LEU A 269 -18.38 29.07 -19.34
N GLU A 270 -18.48 27.76 -19.48
CA GLU A 270 -19.47 27.21 -20.37
C GLU A 270 -19.80 25.79 -20.00
N VAL A 271 -21.03 25.35 -20.25
CA VAL A 271 -21.46 23.99 -19.94
C VAL A 271 -22.15 23.37 -21.16
N GLN A 272 -21.65 22.24 -21.67
CA GLN A 272 -22.24 21.60 -22.86
C GLN A 272 -22.67 20.20 -22.55
N ARG A 273 -23.89 19.85 -22.90
CA ARG A 273 -24.36 18.52 -22.64
C ARG A 273 -24.26 17.77 -23.95
N TYR A 274 -23.20 16.99 -24.13
CA TYR A 274 -23.02 16.21 -25.33
C TYR A 274 -23.70 14.90 -25.13
N PRO A 275 -23.90 14.16 -26.23
CA PRO A 275 -24.56 12.85 -26.15
C PRO A 275 -23.96 11.94 -25.10
N LEU A 276 -22.63 11.79 -25.15
CA LEU A 276 -21.93 10.88 -24.26
C LEU A 276 -21.30 11.37 -22.94
N TYR A 277 -21.20 12.69 -22.74
CA TYR A 277 -20.60 13.26 -21.51
C TYR A 277 -21.05 14.73 -21.32
N THR A 278 -20.75 15.31 -20.16
CA THR A 278 -21.06 16.71 -19.91
C THR A 278 -19.71 17.41 -19.92
N LYS A 279 -19.57 18.51 -20.62
CA LYS A 279 -18.28 19.18 -20.65
C LYS A 279 -18.32 20.58 -20.02
N ILE A 280 -17.74 20.70 -18.83
CA ILE A 280 -17.71 21.96 -18.10
C ILE A 280 -16.36 22.69 -18.25
N THR A 281 -16.36 23.77 -19.00
CA THR A 281 -15.17 24.54 -19.23
C THR A 281 -15.12 25.58 -18.11
N VAL A 282 -14.06 25.54 -17.30
CA VAL A 282 -13.90 26.45 -16.16
C VAL A 282 -12.63 27.27 -16.22
N ASP A 283 -12.62 28.40 -15.50
CA ASP A 283 -11.43 29.23 -15.40
C ASP A 283 -11.10 29.12 -13.91
N ILE A 284 -10.02 28.37 -13.65
CA ILE A 284 -9.55 28.10 -12.29
C ILE A 284 -8.36 28.91 -11.81
N GLY A 285 -7.78 29.76 -12.64
CA GLY A 285 -6.72 30.59 -12.12
C GLY A 285 -5.34 30.39 -12.65
N THR A 286 -4.38 30.96 -11.96
CA THR A 286 -3.00 30.80 -12.35
C THR A 286 -2.23 30.62 -11.03
N PRO A 287 -1.01 30.07 -11.09
CA PRO A 287 -0.23 29.86 -9.88
C PRO A 287 0.23 31.15 -9.33
N SER A 288 0.27 31.23 -8.02
CA SER A 288 0.74 32.40 -7.36
C SER A 288 1.50 31.93 -6.11
N SER B 16 22.41 -31.97 33.45
CA SER B 16 23.42 -30.86 33.36
C SER B 16 23.71 -30.56 31.87
N LEU B 17 23.43 -29.32 31.46
CA LEU B 17 23.65 -28.85 30.06
C LEU B 17 24.79 -27.81 29.91
N THR B 18 25.60 -27.98 28.85
CA THR B 18 26.75 -27.12 28.59
C THR B 18 26.59 -25.63 28.24
N ALA B 19 26.07 -25.35 27.04
CA ALA B 19 25.87 -24.00 26.52
C ALA B 19 26.31 -24.18 25.08
N CYS B 20 25.44 -23.82 24.14
CA CYS B 20 25.70 -24.02 22.71
C CYS B 20 26.99 -23.43 22.22
N PRO B 21 27.45 -23.89 21.07
CA PRO B 21 28.70 -23.39 20.48
C PRO B 21 28.45 -22.06 19.77
N GLU B 22 29.51 -21.30 19.52
CA GLU B 22 29.36 -20.03 18.85
C GLU B 22 28.75 -20.18 17.46
N GLU B 23 29.14 -21.21 16.72
CA GLU B 23 28.51 -21.44 15.41
C GLU B 23 27.77 -22.76 15.56
N SER B 24 26.53 -22.81 15.12
CA SER B 24 25.80 -24.04 15.25
C SER B 24 26.33 -25.03 14.24
N PRO B 25 26.51 -26.29 14.68
CA PRO B 25 27.01 -27.38 13.82
C PRO B 25 25.95 -27.82 12.82
N LEU B 26 24.69 -27.48 13.09
CA LEU B 26 23.59 -27.87 12.23
C LEU B 26 23.43 -27.06 10.96
N LEU B 27 24.18 -25.98 10.82
CA LEU B 27 24.07 -25.12 9.64
C LEU B 27 24.26 -25.83 8.30
N VAL B 28 23.42 -25.43 7.35
CA VAL B 28 23.39 -25.98 6.00
C VAL B 28 23.95 -25.02 4.94
N GLY B 29 24.05 -23.74 5.27
CA GLY B 29 24.54 -22.74 4.32
C GLY B 29 23.45 -22.35 3.34
N PRO B 30 23.76 -22.14 2.06
CA PRO B 30 22.78 -21.76 1.03
C PRO B 30 21.61 -22.72 1.03
N MET B 31 20.41 -22.17 0.83
CA MET B 31 19.20 -22.97 0.80
C MET B 31 18.44 -22.57 -0.42
N LEU B 32 17.54 -23.43 -0.84
CA LEU B 32 16.72 -23.16 -2.00
C LEU B 32 15.40 -22.58 -1.45
N ILE B 33 15.04 -21.37 -1.90
CA ILE B 33 13.81 -20.73 -1.43
C ILE B 33 12.88 -20.39 -2.55
N GLU B 34 11.74 -21.07 -2.61
CA GLU B 34 10.77 -20.81 -3.67
C GLU B 34 9.32 -21.01 -3.23
N PHE B 35 8.40 -20.40 -3.97
CA PHE B 35 6.98 -20.44 -3.63
C PHE B 35 6.01 -20.93 -4.74
N ASN B 36 6.26 -22.12 -5.30
CA ASN B 36 5.40 -22.72 -6.33
C ASN B 36 4.41 -23.60 -5.62
N ILE B 37 4.98 -24.40 -4.75
CA ILE B 37 4.29 -25.35 -3.91
C ILE B 37 3.49 -24.66 -2.80
N PRO B 38 2.14 -24.60 -2.91
CA PRO B 38 1.48 -23.93 -1.78
C PRO B 38 1.72 -24.77 -0.51
N VAL B 39 1.58 -24.17 0.68
CA VAL B 39 1.82 -24.90 1.92
C VAL B 39 0.68 -24.92 2.93
N ASP B 40 0.63 -25.99 3.70
CA ASP B 40 -0.38 -26.13 4.72
C ASP B 40 0.31 -26.15 6.07
N LEU B 41 -0.19 -25.34 7.00
CA LEU B 41 0.39 -25.24 8.35
C LEU B 41 0.40 -26.55 9.11
N LYS B 42 -0.61 -27.39 8.89
CA LYS B 42 -0.67 -28.69 9.54
C LYS B 42 0.61 -29.45 9.18
N LEU B 43 0.98 -29.40 7.92
CA LEU B 43 2.20 -30.06 7.45
C LEU B 43 3.44 -29.53 8.23
N ILE B 44 3.46 -28.21 8.42
CA ILE B 44 4.55 -27.52 9.10
C ILE B 44 4.62 -27.88 10.57
N GLU B 45 3.47 -28.13 11.18
CA GLU B 45 3.46 -28.51 12.58
C GLU B 45 4.12 -29.84 12.70
N GLN B 46 3.70 -30.77 11.85
CA GLN B 46 4.27 -32.12 11.87
C GLN B 46 5.74 -32.13 11.48
N GLN B 47 6.17 -31.22 10.61
CA GLN B 47 7.57 -31.19 10.23
C GLN B 47 8.43 -30.49 11.30
N ASN B 48 7.76 -29.84 12.24
CA ASN B 48 8.45 -29.12 13.31
C ASN B 48 7.85 -29.54 14.65
N PRO B 49 8.04 -30.83 14.99
CA PRO B 49 7.54 -31.41 16.23
C PRO B 49 8.04 -30.81 17.53
N LYS B 50 9.28 -30.28 17.53
CA LYS B 50 9.86 -29.72 18.75
C LYS B 50 9.36 -28.32 19.09
N VAL B 51 8.55 -27.72 18.19
CA VAL B 51 7.99 -26.38 18.41
C VAL B 51 6.76 -26.41 19.33
N LYS B 52 6.97 -26.01 20.57
CA LYS B 52 5.94 -25.92 21.63
C LYS B 52 4.83 -24.95 21.20
N LEU B 53 3.73 -24.96 21.94
CA LEU B 53 2.58 -24.10 21.66
C LEU B 53 2.95 -22.60 21.60
N GLY B 54 2.37 -21.89 20.63
CA GLY B 54 2.59 -20.46 20.48
C GLY B 54 3.85 -20.10 19.72
N GLY B 55 4.45 -21.09 19.07
CA GLY B 55 5.67 -20.86 18.30
C GLY B 55 6.92 -20.69 19.14
N ARG B 56 7.09 -21.51 20.16
CA ARG B 56 8.24 -21.42 21.05
C ARG B 56 9.15 -22.62 20.90
N TYR B 57 10.45 -22.40 20.90
CA TYR B 57 11.37 -23.50 20.81
C TYR B 57 12.60 -23.20 21.65
N THR B 58 13.04 -24.18 22.43
CA THR B 58 14.25 -23.99 23.25
C THR B 58 15.11 -25.24 23.02
N PRO B 59 16.34 -25.04 22.54
CA PRO B 59 17.20 -26.21 22.30
C PRO B 59 17.34 -27.14 23.52
N MET B 60 17.39 -28.45 23.25
CA MET B 60 17.51 -29.50 24.27
C MET B 60 18.99 -29.88 24.51
N ASP B 61 19.76 -29.90 23.44
CA ASP B 61 21.16 -30.27 23.47
C ASP B 61 22.12 -29.26 24.13
N CYS B 62 21.65 -28.06 24.40
CA CYS B 62 22.52 -27.04 25.01
C CYS B 62 21.77 -25.80 25.52
N ILE B 63 22.50 -24.88 26.11
CA ILE B 63 21.87 -23.66 26.61
C ILE B 63 22.15 -22.53 25.63
N SER B 64 21.09 -21.91 25.10
CA SER B 64 21.27 -20.81 24.18
C SER B 64 21.35 -19.50 24.97
N PRO B 65 22.30 -18.64 24.59
CA PRO B 65 22.47 -17.35 25.26
C PRO B 65 21.52 -16.30 24.61
N HIS B 66 20.95 -16.69 23.47
CA HIS B 66 20.06 -15.81 22.73
C HIS B 66 18.60 -16.12 23.00
N LYS B 67 17.95 -15.31 23.81
CA LYS B 67 16.52 -15.53 24.04
C LYS B 67 15.86 -14.51 23.08
N VAL B 68 15.52 -14.99 21.88
CA VAL B 68 14.96 -14.20 20.79
C VAL B 68 13.45 -14.16 20.53
N ALA B 69 12.88 -12.96 20.51
CA ALA B 69 11.46 -12.84 20.25
C ALA B 69 11.42 -12.25 18.85
N ILE B 70 10.83 -12.98 17.93
CA ILE B 70 10.72 -12.56 16.56
C ILE B 70 9.37 -11.93 16.35
N ILE B 71 9.38 -10.63 16.02
CA ILE B 71 8.12 -9.88 15.87
C ILE B 71 7.74 -9.56 14.42
N ILE B 72 6.51 -9.93 14.07
CA ILE B 72 6.03 -9.72 12.72
C ILE B 72 4.81 -8.82 12.72
N PRO B 73 4.91 -7.65 12.07
CA PRO B 73 3.81 -6.69 11.96
C PRO B 73 2.94 -7.27 10.87
N PHE B 74 1.65 -7.30 11.10
CA PHE B 74 0.80 -7.99 10.16
C PHE B 74 -0.66 -7.53 10.04
N ARG B 75 -1.21 -7.80 8.87
CA ARG B 75 -2.63 -7.54 8.60
C ARG B 75 -3.02 -8.13 7.25
N ASN B 76 -3.84 -9.16 7.30
CA ASN B 76 -4.31 -9.80 6.10
C ASN B 76 -3.21 -10.31 5.15
N ARG B 77 -2.25 -11.05 5.69
CA ARG B 77 -1.22 -11.63 4.84
C ARG B 77 -1.03 -13.08 5.29
N GLN B 78 -2.15 -13.76 5.55
CA GLN B 78 -2.07 -15.14 5.98
C GLN B 78 -1.24 -16.00 5.05
N GLU B 79 -1.41 -15.82 3.74
CA GLU B 79 -0.66 -16.63 2.79
C GLU B 79 0.84 -16.46 2.96
N HIS B 80 1.29 -15.23 3.16
CA HIS B 80 2.72 -14.98 3.33
C HIS B 80 3.24 -15.62 4.61
N LEU B 81 2.48 -15.49 5.68
CA LEU B 81 2.87 -16.05 6.98
C LEU B 81 3.14 -17.53 6.82
N LYS B 82 2.23 -18.23 6.12
CA LYS B 82 2.38 -19.67 5.92
C LYS B 82 3.75 -19.97 5.31
N TYR B 83 4.14 -19.25 4.27
CA TYR B 83 5.47 -19.50 3.71
C TYR B 83 6.55 -19.04 4.66
N TRP B 84 6.29 -18.02 5.45
CA TRP B 84 7.30 -17.56 6.40
C TRP B 84 7.52 -18.66 7.43
N LEU B 85 6.45 -19.13 8.07
CA LEU B 85 6.54 -20.18 9.09
C LEU B 85 7.19 -21.45 8.54
N TYR B 86 6.86 -21.79 7.31
CA TYR B 86 7.36 -23.00 6.64
C TYR B 86 8.88 -23.05 6.54
N TYR B 87 9.47 -21.91 6.21
CA TYR B 87 10.92 -21.79 6.04
C TYR B 87 11.68 -21.41 7.31
N LEU B 88 11.19 -20.39 8.02
CA LEU B 88 11.91 -19.93 9.17
C LEU B 88 11.98 -20.88 10.34
N HIS B 89 10.90 -21.56 10.71
CA HIS B 89 10.98 -22.43 11.90
C HIS B 89 12.16 -23.40 11.87
N PRO B 90 12.40 -24.10 10.73
CA PRO B 90 13.53 -25.03 10.67
C PRO B 90 14.89 -24.29 10.82
N ILE B 91 14.98 -23.11 10.21
CA ILE B 91 16.20 -22.31 10.25
C ILE B 91 16.56 -21.81 11.66
N LEU B 92 15.55 -21.33 12.39
CA LEU B 92 15.77 -20.84 13.73
C LEU B 92 16.26 -21.97 14.61
N GLN B 93 15.73 -23.17 14.41
CA GLN B 93 16.16 -24.30 15.24
C GLN B 93 17.57 -24.72 14.87
N ARG B 94 17.92 -24.60 13.60
CA ARG B 94 19.26 -24.97 13.22
C ARG B 94 20.25 -23.96 13.80
N GLN B 95 19.81 -22.73 14.08
CA GLN B 95 20.71 -21.73 14.63
C GLN B 95 20.80 -21.82 16.16
N GLN B 96 19.95 -22.66 16.75
CA GLN B 96 20.00 -22.88 18.18
C GLN B 96 19.65 -21.68 19.00
N LEU B 97 18.49 -21.12 18.69
CA LEU B 97 18.01 -19.95 19.42
C LEU B 97 16.82 -20.39 20.30
N ASP B 98 16.71 -19.79 21.48
CA ASP B 98 15.61 -20.02 22.42
C ASP B 98 14.67 -18.87 21.97
N TYR B 99 13.71 -19.20 21.11
CA TYR B 99 12.85 -18.21 20.51
C TYR B 99 11.34 -18.36 20.57
N GLY B 100 10.64 -17.30 20.16
CA GLY B 100 9.19 -17.31 20.14
C GLY B 100 8.72 -16.52 18.92
N ILE B 101 7.59 -16.87 18.33
CA ILE B 101 7.14 -16.13 17.17
C ILE B 101 5.91 -15.27 17.53
N TYR B 102 5.97 -13.98 17.23
CA TYR B 102 4.85 -13.10 17.51
C TYR B 102 4.38 -12.37 16.28
N VAL B 103 3.11 -12.56 15.96
CA VAL B 103 2.50 -11.91 14.81
C VAL B 103 1.58 -10.82 15.37
N ILE B 104 1.93 -9.56 15.16
CA ILE B 104 1.12 -8.46 15.69
C ILE B 104 0.17 -8.02 14.58
N ASN B 105 -1.11 -8.25 14.84
CA ASN B 105 -2.16 -8.00 13.87
C ASN B 105 -2.92 -6.70 14.08
N GLN B 106 -2.85 -5.82 13.06
CA GLN B 106 -3.53 -4.52 13.12
C GLN B 106 -5.03 -4.67 12.90
N ALA B 107 -5.77 -4.44 13.97
CA ALA B 107 -7.21 -4.57 13.97
C ALA B 107 -7.88 -3.49 13.15
N GLY B 108 -7.35 -2.28 13.24
CA GLY B 108 -7.99 -1.20 12.51
C GLY B 108 -8.42 -1.39 11.07
N GLU B 109 -8.51 -0.26 10.39
CA GLU B 109 -8.82 -0.19 8.97
C GLU B 109 -8.30 1.19 8.58
N SER B 110 -7.38 1.66 9.42
CA SER B 110 -6.62 2.88 9.29
C SER B 110 -5.33 2.46 8.57
N MET B 111 -4.51 3.42 8.18
CA MET B 111 -3.27 3.07 7.53
C MET B 111 -2.42 2.08 8.38
N PHE B 112 -1.69 1.23 7.71
CA PHE B 112 -0.84 0.25 8.39
C PHE B 112 0.35 0.93 9.09
N ASN B 113 0.48 0.72 10.39
CA ASN B 113 1.56 1.35 11.15
C ASN B 113 2.56 0.28 11.55
N ARG B 114 3.53 0.05 10.69
CA ARG B 114 4.52 -0.99 10.94
C ARG B 114 5.34 -0.79 12.22
N ALA B 115 5.90 0.39 12.37
CA ALA B 115 6.72 0.68 13.51
C ALA B 115 5.93 0.54 14.81
N LYS B 116 4.70 1.03 14.86
CA LYS B 116 3.94 0.90 16.11
C LYS B 116 3.61 -0.54 16.45
N LEU B 117 3.25 -1.34 15.45
CA LEU B 117 2.98 -2.73 15.76
C LEU B 117 4.27 -3.39 16.28
N LEU B 118 5.43 -3.00 15.76
CA LEU B 118 6.66 -3.59 16.20
C LEU B 118 6.84 -3.24 17.67
N ASN B 119 6.50 -2.01 18.07
CA ASN B 119 6.63 -1.63 19.49
C ASN B 119 5.66 -2.48 20.30
N VAL B 120 4.44 -2.68 19.82
CA VAL B 120 3.53 -3.48 20.61
C VAL B 120 4.14 -4.87 20.84
N GLY B 121 4.80 -5.40 19.80
CA GLY B 121 5.37 -6.73 19.89
C GLY B 121 6.45 -6.84 20.94
N PHE B 122 7.23 -5.77 21.07
CA PHE B 122 8.30 -5.74 22.06
C PHE B 122 7.68 -5.84 23.46
N LYS B 123 6.71 -4.99 23.76
CA LYS B 123 6.09 -5.00 25.06
C LYS B 123 5.31 -6.25 25.38
N GLU B 124 4.61 -6.82 24.41
CA GLU B 124 3.83 -8.00 24.71
C GLU B 124 4.68 -9.23 24.83
N ALA B 125 5.71 -9.32 24.02
CA ALA B 125 6.55 -10.50 24.09
C ALA B 125 7.26 -10.58 25.43
N LEU B 126 7.52 -9.45 26.07
CA LEU B 126 8.21 -9.45 27.35
C LEU B 126 7.35 -10.00 28.45
N LYS B 127 6.04 -10.04 28.22
CA LYS B 127 5.10 -10.58 29.18
C LYS B 127 5.15 -12.09 29.24
N ASP B 128 5.65 -12.73 28.20
CA ASP B 128 5.74 -14.19 28.14
C ASP B 128 7.06 -14.73 28.63
N TYR B 129 8.14 -14.04 28.33
CA TYR B 129 9.41 -14.60 28.66
C TYR B 129 10.44 -13.51 28.76
N ASP B 130 11.52 -13.81 29.45
CA ASP B 130 12.57 -12.87 29.66
C ASP B 130 13.52 -12.83 28.47
N TYR B 131 13.00 -12.32 27.35
CA TYR B 131 13.76 -12.20 26.08
C TYR B 131 14.83 -11.13 26.18
N ASN B 132 15.95 -11.33 25.54
CA ASN B 132 16.99 -10.33 25.58
C ASN B 132 17.43 -9.90 24.16
N CYS B 133 16.68 -10.36 23.16
CA CYS B 133 16.98 -10.07 21.78
C CYS B 133 15.69 -10.03 20.98
N PHE B 134 15.55 -9.05 20.08
CA PHE B 134 14.32 -8.91 19.29
C PHE B 134 14.62 -8.78 17.85
N VAL B 135 14.03 -9.65 17.04
CA VAL B 135 14.21 -9.59 15.60
C VAL B 135 12.94 -9.00 15.06
N PHE B 136 13.06 -7.97 14.23
CA PHE B 136 11.87 -7.36 13.66
C PHE B 136 11.84 -7.76 12.20
N SER B 137 10.80 -8.50 11.80
CA SER B 137 10.77 -8.94 10.40
C SER B 137 9.45 -8.77 9.69
N ASP B 138 9.52 -8.34 8.43
CA ASP B 138 8.32 -8.21 7.63
C ASP B 138 7.87 -9.65 7.37
N VAL B 139 6.60 -9.85 7.09
CA VAL B 139 6.15 -11.22 6.90
C VAL B 139 6.59 -11.80 5.58
N ASP B 140 6.93 -10.92 4.64
CA ASP B 140 7.32 -11.36 3.31
C ASP B 140 8.83 -11.47 2.98
N LEU B 141 9.72 -11.67 3.96
CA LEU B 141 11.14 -11.83 3.64
C LEU B 141 11.67 -13.14 4.23
N ILE B 142 12.37 -13.93 3.42
CA ILE B 142 12.93 -15.23 3.84
C ILE B 142 14.44 -15.18 3.57
N PRO B 143 15.30 -15.55 4.56
CA PRO B 143 16.76 -15.53 4.34
C PRO B 143 17.11 -16.74 3.49
N MET B 144 18.18 -16.61 2.70
CA MET B 144 18.59 -17.68 1.82
C MET B 144 19.82 -18.42 2.33
N ASN B 145 20.22 -18.24 3.57
CA ASN B 145 21.44 -18.89 3.99
C ASN B 145 21.39 -18.89 5.49
N ASP B 146 21.24 -20.04 6.12
CA ASP B 146 21.14 -20.06 7.56
C ASP B 146 22.35 -19.55 8.38
N HIS B 147 23.37 -19.04 7.70
CA HIS B 147 24.53 -18.44 8.36
C HIS B 147 24.20 -16.99 8.76
N ASN B 148 23.12 -16.46 8.23
CA ASN B 148 22.66 -15.11 8.54
C ASN B 148 21.78 -15.32 9.77
N THR B 149 22.42 -15.37 10.93
CA THR B 149 21.78 -15.67 12.22
C THR B 149 20.72 -14.67 12.69
N TYR B 150 19.56 -15.19 13.09
CA TYR B 150 18.50 -14.33 13.54
C TYR B 150 18.71 -14.02 15.01
N ARG B 151 19.84 -13.40 15.31
CA ARG B 151 20.10 -13.02 16.69
C ARG B 151 20.69 -11.59 16.82
N CYS B 152 21.01 -11.22 18.05
CA CYS B 152 21.56 -9.90 18.30
C CYS B 152 23.08 -9.89 18.27
N PHE B 153 23.64 -8.72 17.97
CA PHE B 153 25.08 -8.56 17.89
C PHE B 153 25.51 -7.40 18.79
N SER B 154 26.80 -7.08 18.80
CA SER B 154 27.23 -6.01 19.70
C SER B 154 26.73 -4.63 19.23
N GLN B 155 26.21 -4.56 18.01
CA GLN B 155 25.65 -3.33 17.48
C GLN B 155 24.37 -3.72 16.75
N PRO B 156 23.44 -2.78 16.59
CA PRO B 156 22.19 -3.08 15.89
C PRO B 156 22.46 -3.82 14.61
N ARG B 157 21.67 -4.86 14.35
CA ARG B 157 21.90 -5.68 13.17
C ARG B 157 20.86 -5.66 12.08
N HIS B 158 21.35 -5.39 10.87
CA HIS B 158 20.52 -5.36 9.70
C HIS B 158 20.70 -6.73 9.00
N ILE B 159 19.65 -7.55 9.05
CA ILE B 159 19.72 -8.87 8.49
C ILE B 159 19.39 -9.01 7.01
N SER B 160 18.26 -8.45 6.54
CA SER B 160 17.88 -8.51 5.13
C SER B 160 18.75 -7.55 4.30
N VAL B 161 20.01 -7.92 4.07
CA VAL B 161 20.94 -7.07 3.34
C VAL B 161 20.84 -7.04 1.83
N ALA B 162 20.69 -8.21 1.23
CA ALA B 162 20.63 -8.34 -0.22
C ALA B 162 19.38 -9.08 -0.61
N MET B 163 18.31 -8.36 -0.94
CA MET B 163 17.05 -8.98 -1.34
C MET B 163 16.94 -9.16 -2.86
N ASP B 164 16.50 -10.35 -3.30
CA ASP B 164 16.36 -10.69 -4.73
C ASP B 164 15.60 -9.61 -5.52
N LYS B 165 14.47 -9.16 -4.99
CA LYS B 165 13.65 -8.15 -5.63
C LYS B 165 14.40 -6.85 -5.88
N PHE B 166 15.49 -6.61 -5.16
CA PHE B 166 16.26 -5.37 -5.33
C PHE B 166 17.60 -5.61 -5.99
N GLY B 167 17.64 -6.68 -6.78
CA GLY B 167 18.87 -7.02 -7.48
C GLY B 167 19.98 -7.52 -6.62
N PHE B 168 19.63 -8.10 -5.46
CA PHE B 168 20.63 -8.61 -4.52
C PHE B 168 21.67 -7.60 -4.04
N SER B 169 21.32 -6.32 -4.03
CA SER B 169 22.25 -5.35 -3.52
C SER B 169 21.52 -4.43 -2.51
N LEU B 170 22.27 -3.95 -1.53
CA LEU B 170 21.75 -3.07 -0.52
C LEU B 170 21.37 -1.73 -1.13
N PRO B 171 20.12 -1.30 -0.95
CA PRO B 171 19.57 -0.03 -1.48
C PRO B 171 20.44 1.22 -1.29
N TYR B 172 21.04 1.30 -0.11
CA TYR B 172 21.91 2.38 0.30
C TYR B 172 22.45 2.02 1.70
N VAL B 173 23.68 2.41 1.97
CA VAL B 173 24.37 2.12 3.24
C VAL B 173 23.50 2.30 4.48
N GLN B 174 22.59 3.28 4.45
CA GLN B 174 21.79 3.49 5.63
C GLN B 174 20.37 2.97 5.58
N TYR B 175 20.18 1.90 4.81
CA TYR B 175 18.90 1.25 4.65
C TYR B 175 18.79 0.30 5.82
N PHE B 176 17.68 0.35 6.55
CA PHE B 176 17.53 -0.48 7.74
C PHE B 176 16.14 -1.11 7.80
N GLY B 177 15.57 -1.31 6.61
CA GLY B 177 14.25 -1.92 6.52
C GLY B 177 14.32 -3.41 6.25
N GLY B 178 13.17 -4.08 6.32
CA GLY B 178 13.21 -5.50 6.03
C GLY B 178 13.26 -6.35 7.28
N VAL B 179 14.48 -6.77 7.63
CA VAL B 179 14.66 -7.60 8.81
C VAL B 179 15.89 -7.08 9.55
N SER B 180 15.72 -6.84 10.84
CA SER B 180 16.80 -6.34 11.70
C SER B 180 16.63 -6.90 13.11
N ALA B 181 17.70 -6.80 13.88
CA ALA B 181 17.64 -7.30 15.24
C ALA B 181 18.29 -6.30 16.20
N LEU B 182 17.68 -6.14 17.36
CA LEU B 182 18.22 -5.25 18.38
C LEU B 182 18.15 -5.96 19.74
N SER B 183 19.15 -5.75 20.56
CA SER B 183 19.13 -6.34 21.90
C SER B 183 18.14 -5.52 22.72
N LYS B 184 17.62 -6.07 23.80
CA LYS B 184 16.67 -5.35 24.63
C LYS B 184 17.24 -4.00 24.99
N GLN B 185 18.51 -3.95 25.34
CA GLN B 185 19.11 -2.66 25.70
C GLN B 185 19.21 -1.76 24.50
N GLN B 186 19.65 -2.28 23.36
CA GLN B 186 19.75 -1.47 22.17
C GLN B 186 18.39 -0.84 21.89
N PHE B 187 17.37 -1.67 21.88
CA PHE B 187 16.03 -1.14 21.65
C PHE B 187 15.62 0.02 22.66
N LEU B 188 15.74 -0.27 23.96
CA LEU B 188 15.43 0.67 25.03
C LEU B 188 16.20 1.99 24.86
N SER B 189 17.46 1.86 24.50
CA SER B 189 18.32 3.00 24.28
C SER B 189 17.75 4.09 23.32
N ILE B 190 17.10 3.68 22.21
CA ILE B 190 16.52 4.60 21.22
C ILE B 190 15.00 4.90 21.49
N ASN B 191 14.54 4.53 22.67
CA ASN B 191 13.16 4.77 23.04
C ASN B 191 12.20 4.03 22.11
N GLY B 192 12.68 2.85 21.68
CA GLY B 192 11.92 2.03 20.75
C GLY B 192 11.86 2.61 19.33
N PHE B 193 10.74 2.33 18.66
CA PHE B 193 10.59 2.84 17.31
C PHE B 193 9.55 3.92 17.31
N PRO B 194 9.52 4.76 16.27
CA PRO B 194 8.51 5.83 16.22
C PRO B 194 7.13 5.23 16.13
N ASN B 195 6.13 5.91 16.67
CA ASN B 195 4.76 5.43 16.63
C ASN B 195 3.97 6.30 15.69
N ASN B 196 4.59 7.36 15.16
CA ASN B 196 3.82 8.27 14.34
C ASN B 196 3.88 8.20 12.82
N TYR B 197 4.44 7.11 12.29
CA TYR B 197 4.45 6.92 10.85
C TYR B 197 3.26 6.03 10.44
N TRP B 198 2.15 6.66 10.10
CA TRP B 198 0.93 5.97 9.68
C TRP B 198 0.81 5.62 8.18
N GLY B 199 1.68 4.73 7.75
CA GLY B 199 1.66 4.30 6.39
C GLY B 199 2.53 5.09 5.45
N TRP B 200 2.78 6.36 5.70
CA TRP B 200 3.55 7.11 4.71
C TRP B 200 5.00 6.75 4.44
N GLY B 201 5.64 5.99 5.33
CA GLY B 201 7.01 5.64 5.06
C GLY B 201 8.09 6.56 5.57
N GLY B 202 9.27 5.97 5.74
CA GLY B 202 10.39 6.70 6.26
C GLY B 202 10.70 6.25 7.69
N GLU B 203 9.81 5.41 8.25
CA GLU B 203 9.99 4.88 9.61
C GLU B 203 11.30 4.06 9.79
N ASP B 204 11.76 3.38 8.75
CA ASP B 204 12.96 2.63 8.88
C ASP B 204 14.14 3.60 8.82
N ASP B 205 13.95 4.77 8.21
CA ASP B 205 15.03 5.76 8.16
C ASP B 205 15.13 6.54 9.48
N ASP B 206 13.98 6.72 10.09
CA ASP B 206 13.89 7.38 11.36
C ASP B 206 14.63 6.44 12.35
N ILE B 207 14.36 5.13 12.26
CA ILE B 207 14.99 4.19 13.17
C ILE B 207 16.51 4.24 13.00
N TYR B 208 16.97 4.30 11.77
CA TYR B 208 18.39 4.36 11.50
C TYR B 208 18.93 5.59 12.21
N ASN B 209 18.19 6.70 12.11
CA ASN B 209 18.58 7.96 12.71
C ASN B 209 18.72 7.82 14.22
N ARG B 210 17.77 7.12 14.85
CA ARG B 210 17.82 6.94 16.29
C ARG B 210 19.10 6.29 16.68
N LEU B 211 19.49 5.25 15.95
CA LEU B 211 20.72 4.58 16.29
C LEU B 211 21.92 5.52 16.17
N ALA B 212 21.97 6.34 15.13
CA ALA B 212 23.12 7.24 14.95
C ALA B 212 23.24 8.18 16.12
N PHE B 213 22.10 8.65 16.61
CA PHE B 213 22.06 9.59 17.71
C PHE B 213 22.42 9.04 19.06
N ARG B 214 22.30 7.72 19.23
CA ARG B 214 22.64 7.07 20.49
C ARG B 214 23.93 6.31 20.45
N GLY B 215 24.87 6.82 19.67
CA GLY B 215 26.19 6.21 19.61
C GLY B 215 26.36 4.79 19.08
N MET B 216 25.42 4.30 18.27
CA MET B 216 25.51 2.97 17.68
C MET B 216 25.75 3.00 16.16
N SER B 217 26.12 1.83 15.60
CA SER B 217 26.38 1.64 14.17
C SER B 217 25.47 0.53 13.72
N VAL B 218 25.60 0.16 12.44
CA VAL B 218 24.81 -0.92 11.93
C VAL B 218 25.73 -2.07 11.55
N SER B 219 25.41 -3.26 12.06
CA SER B 219 26.17 -4.47 11.79
C SER B 219 25.43 -5.27 10.74
N ARG B 220 26.16 -5.88 9.83
CA ARG B 220 25.52 -6.60 8.75
C ARG B 220 26.20 -7.85 8.30
N PRO B 221 25.44 -8.84 7.88
CA PRO B 221 26.21 -9.98 7.45
C PRO B 221 26.76 -9.56 6.09
N ASN B 222 27.59 -10.45 5.60
CA ASN B 222 28.25 -10.37 4.32
C ASN B 222 27.13 -10.35 3.25
N ALA B 223 27.40 -9.82 2.05
CA ALA B 223 26.37 -9.71 1.01
C ALA B 223 25.94 -10.99 0.31
N VAL B 224 26.69 -12.05 0.52
CA VAL B 224 26.38 -13.35 -0.05
C VAL B 224 25.55 -14.08 0.99
N ILE B 225 25.98 -14.01 2.25
CA ILE B 225 25.26 -14.64 3.36
C ILE B 225 23.93 -13.90 3.65
N GLY B 226 23.92 -12.59 3.40
CA GLY B 226 22.76 -11.79 3.68
C GLY B 226 21.67 -11.85 2.66
N LYS B 227 21.82 -12.71 1.67
CA LYS B 227 20.81 -12.85 0.61
C LYS B 227 19.48 -13.31 1.17
N CYS B 228 18.40 -12.72 0.64
CA CYS B 228 17.03 -13.02 1.07
C CYS B 228 16.16 -12.88 -0.13
N ARG B 229 15.03 -13.60 -0.12
CA ARG B 229 14.08 -13.51 -1.20
C ARG B 229 12.83 -12.85 -0.67
N MET B 230 12.10 -12.14 -1.52
CA MET B 230 10.81 -11.55 -1.11
C MET B 230 9.75 -12.61 -1.50
N ILE B 231 8.69 -12.77 -0.71
CA ILE B 231 7.65 -13.75 -1.06
C ILE B 231 6.79 -13.09 -2.12
N ARG B 232 7.17 -13.34 -3.37
CA ARG B 232 6.43 -12.84 -4.52
C ARG B 232 6.08 -14.15 -5.25
N HIS B 233 4.81 -14.25 -5.64
CA HIS B 233 4.31 -15.46 -6.28
C HIS B 233 4.44 -15.49 -7.79
N SER B 234 3.57 -16.31 -8.40
CA SER B 234 3.48 -16.51 -9.86
C SER B 234 4.50 -15.69 -10.71
N ARG B 235 5.79 -16.01 -10.54
CA ARG B 235 6.86 -15.33 -11.27
C ARG B 235 6.78 -13.79 -11.51
N ASP B 236 7.03 -13.02 -10.44
CA ASP B 236 7.08 -11.55 -10.49
C ASP B 236 8.58 -11.28 -10.41
N LYS B 237 9.35 -11.96 -11.26
CA LYS B 237 10.81 -11.83 -11.33
C LYS B 237 11.37 -10.44 -11.70
N LYS B 238 10.49 -9.53 -12.11
CA LYS B 238 10.85 -8.16 -12.47
C LYS B 238 11.32 -7.44 -11.19
N ASN B 239 12.53 -6.88 -11.20
CA ASN B 239 12.99 -6.18 -10.01
C ASN B 239 12.05 -5.08 -9.63
N GLU B 240 11.95 -4.83 -8.33
CA GLU B 240 11.08 -3.77 -7.85
C GLU B 240 11.94 -2.53 -7.76
N PRO B 241 11.30 -1.33 -7.69
CA PRO B 241 12.12 -0.11 -7.59
C PRO B 241 12.82 -0.12 -6.22
N ASN B 242 14.09 0.32 -6.17
CA ASN B 242 14.83 0.33 -4.92
C ASN B 242 14.06 1.20 -3.89
N PRO B 243 13.91 0.72 -2.62
CA PRO B 243 13.18 1.47 -1.60
C PRO B 243 13.68 2.89 -1.47
N GLN B 244 12.75 3.84 -1.41
CA GLN B 244 13.05 5.27 -1.33
C GLN B 244 13.51 5.78 0.04
N ARG B 245 14.51 6.65 0.06
CA ARG B 245 15.03 7.16 1.32
C ARG B 245 14.54 8.57 1.68
N PHE B 246 13.78 8.64 2.79
CA PHE B 246 13.22 9.90 3.28
C PHE B 246 14.19 10.61 4.22
N ASP B 247 14.18 11.94 4.15
CA ASP B 247 15.02 12.78 4.98
C ASP B 247 14.26 13.09 6.28
N ARG B 248 14.72 12.47 7.35
CA ARG B 248 14.08 12.61 8.64
C ARG B 248 15.08 12.96 9.72
N ILE B 249 16.35 13.12 9.35
CA ILE B 249 17.36 13.40 10.35
C ILE B 249 16.96 14.42 11.41
N ALA B 250 16.65 15.64 10.97
CA ALA B 250 16.29 16.70 11.93
C ALA B 250 15.01 16.40 12.71
N HIS B 251 14.04 15.85 12.01
CA HIS B 251 12.78 15.46 12.64
C HIS B 251 13.03 14.40 13.71
N THR B 252 13.93 13.45 13.43
CA THR B 252 14.23 12.40 14.38
C THR B 252 14.85 13.01 15.65
N LYS B 253 15.86 13.86 15.47
CA LYS B 253 16.51 14.52 16.60
C LYS B 253 15.48 15.21 17.53
N GLU B 254 14.45 15.83 16.96
CA GLU B 254 13.40 16.49 17.76
C GLU B 254 12.38 15.61 18.49
N THR B 255 11.92 14.58 17.79
CA THR B 255 10.84 13.69 18.25
C THR B 255 11.15 12.32 18.87
N MET B 256 12.42 11.90 18.79
CA MET B 256 12.87 10.60 19.32
C MET B 256 12.52 10.33 20.81
N LEU B 257 12.72 11.33 21.68
CA LEU B 257 12.44 11.15 23.08
C LEU B 257 10.98 11.15 23.42
N SER B 258 10.16 11.81 22.62
CA SER B 258 8.75 11.84 22.96
C SER B 258 7.86 10.94 22.15
N ASP B 259 8.36 10.34 21.09
CA ASP B 259 7.52 9.44 20.31
C ASP B 259 8.14 8.08 20.30
N GLY B 260 7.53 7.14 20.98
CA GLY B 260 8.12 5.83 21.01
C GLY B 260 7.64 4.94 22.12
N LEU B 261 8.58 4.20 22.71
CA LEU B 261 8.24 3.29 23.80
C LEU B 261 7.53 3.97 24.98
N ASN B 262 7.99 5.17 25.34
CA ASN B 262 7.39 5.93 26.43
C ASN B 262 6.11 6.68 26.12
N SER B 263 5.60 6.60 24.89
CA SER B 263 4.34 7.27 24.54
C SER B 263 3.43 6.27 23.88
N LEU B 264 3.81 5.00 23.90
CA LEU B 264 3.06 3.93 23.25
C LEU B 264 1.72 3.61 23.85
N THR B 265 0.62 3.90 23.17
CA THR B 265 -0.66 3.50 23.77
C THR B 265 -1.37 2.58 22.79
N TYR B 266 -2.06 1.57 23.32
CA TYR B 266 -2.81 0.62 22.50
C TYR B 266 -3.63 -0.29 23.40
N MET B 267 -4.53 -1.06 22.79
CA MET B 267 -5.38 -1.95 23.55
C MET B 267 -5.45 -3.35 22.92
N VAL B 268 -4.88 -4.34 23.60
CA VAL B 268 -4.89 -5.70 23.10
C VAL B 268 -6.30 -6.24 23.01
N LEU B 269 -6.75 -6.49 21.80
CA LEU B 269 -8.10 -6.99 21.56
C LEU B 269 -8.24 -8.46 21.75
N GLU B 270 -7.25 -9.24 21.35
CA GLU B 270 -7.35 -10.67 21.49
C GLU B 270 -5.99 -11.30 21.37
N VAL B 271 -5.78 -12.41 22.08
CA VAL B 271 -4.50 -13.13 22.02
C VAL B 271 -4.76 -14.62 21.79
N GLN B 272 -4.16 -15.18 20.73
CA GLN B 272 -4.33 -16.59 20.42
C GLN B 272 -3.00 -17.30 20.34
N ARG B 273 -2.91 -18.44 21.02
CA ARG B 273 -1.70 -19.20 21.00
C ARG B 273 -1.87 -20.32 20.01
N TYR B 274 -1.38 -20.12 18.79
CA TYR B 274 -1.48 -21.15 17.77
C TYR B 274 -0.31 -22.08 17.92
N PRO B 275 -0.35 -23.20 17.20
CA PRO B 275 0.75 -24.14 17.30
C PRO B 275 2.07 -23.53 16.95
N LEU B 276 2.12 -22.86 15.80
CA LEU B 276 3.37 -22.27 15.30
C LEU B 276 3.72 -20.81 15.56
N TYR B 277 2.80 -20.06 16.19
CA TYR B 277 3.06 -18.66 16.48
C TYR B 277 2.03 -18.08 17.47
N THR B 278 2.28 -16.88 18.01
CA THR B 278 1.33 -16.26 18.92
C THR B 278 0.76 -15.10 18.16
N LYS B 279 -0.55 -14.96 18.13
CA LYS B 279 -1.10 -13.87 17.36
C LYS B 279 -1.85 -12.87 18.20
N ILE B 280 -1.25 -11.71 18.35
CA ILE B 280 -1.85 -10.64 19.13
C ILE B 280 -2.54 -9.59 18.23
N THR B 281 -3.87 -9.53 18.33
CA THR B 281 -4.66 -8.57 17.56
C THR B 281 -4.82 -7.32 18.41
N VAL B 282 -4.34 -6.17 17.93
CA VAL B 282 -4.39 -4.94 18.71
C VAL B 282 -5.16 -3.81 18.07
N ASP B 283 -5.61 -2.88 18.88
CA ASP B 283 -6.27 -1.70 18.34
C ASP B 283 -5.26 -0.61 18.68
N ILE B 284 -4.59 -0.06 17.67
CA ILE B 284 -3.57 0.92 17.94
C ILE B 284 -3.96 2.36 17.74
N GLY B 285 -5.25 2.58 17.51
CA GLY B 285 -5.77 3.93 17.33
C GLY B 285 -5.78 4.50 15.92
N THR B 286 -5.95 5.82 15.86
CA THR B 286 -5.97 6.56 14.59
C THR B 286 -4.95 7.69 14.69
N PRO B 287 -4.69 8.35 13.58
CA PRO B 287 -3.71 9.44 13.67
C PRO B 287 -4.23 10.71 14.33
N SER B 288 -3.34 11.68 14.51
CA SER B 288 -3.70 12.99 15.07
C SER B 288 -2.65 14.09 14.75
N1 U5P C . -0.36 -3.98 4.88
C2 U5P C . -0.88 -5.14 5.50
N3 U5P C . 0.06 -6.16 5.76
C4 U5P C . 1.44 -6.16 5.47
C5 U5P C . 1.89 -4.95 4.83
C6 U5P C . 1.04 -3.95 4.56
O2 U5P C . -2.09 -5.20 5.79
O4 U5P C . 2.13 -7.14 5.78
C1' U5P C . -1.34 -2.77 4.59
C2' U5P C . -0.95 -1.71 3.53
O2' U5P C . 0.18 -0.86 3.87
C3' U5P C . -2.33 -0.99 3.27
C4' U5P C . -3.22 -2.24 3.20
O3' U5P C . -2.67 0.02 4.31
O4' U5P C . -2.73 -3.08 4.32
C5' U5P C . -3.14 -3.10 1.87
O5' U5P C . -3.48 -4.51 1.94
P U5P C . -5.02 -5.00 2.24
O1P U5P C . -5.66 -4.58 3.59
O2P U5P C . -5.11 -6.48 2.27
O3P U5P C . -5.76 -4.53 0.80
#